data_7E3N
#
_entry.id   7E3N
#
_cell.length_a   105.267
_cell.length_b   89.767
_cell.length_c   62.031
_cell.angle_alpha   90.00
_cell.angle_beta   121.04
_cell.angle_gamma   90.00
#
_symmetry.space_group_name_H-M   'C 1 2 1'
#
loop_
_entity.id
_entity.type
_entity.pdbx_description
1 polymer 'Isocitrate dehydrogenase [NADP]'
2 non-polymer 'NADP NICOTINAMIDE-ADENINE-DINUCLEOTIDE PHOSPHATE'
3 non-polymer 'CALCIUM ION'
4 non-polymer 'ISOCITRIC ACID'
5 water water
#
_entity_poly.entity_id   1
_entity_poly.type   'polypeptide(L)'
_entity_poly.pdbx_seq_one_letter_code
;SNKISATGVLVELDGDEMTRVIWKKIKETLIFPFVNVPIEYYDLSMENRDKTEDRVTVEAAYAIKKHGVGVKCATITPDE
ARVKEFNLKKMWRSPNGTIRTILGGTVFREPIICSNVPRLVTTWKKPVVIGRHAFGDQYSATDAVVKEPGTFEMRFIPAN
GGEPKVYKVFDYKSGGVMMGMYNTDDSIRDFARSCFEFALARKWPLYLSTKNTILKHYDGRFKDIFAEMYKALYETKFKT
CGIFYEHRLIDNMVAHCMRSEGGYVWACKNYDGDVQSDSLAQGFGSLGMMTSILMTPDGKTVEVEAAHGTVTRHYRDYQK
GKETSTNPVASIFAWTRALAHRARVDNNNTLLEFTQRLEDVIIATIEAGAMTEDLAICIKGEKNVVRADYLNTDEFIDAV
SQRLKVAMQKSKV
;
_entity_poly.pdbx_strand_id   A
#
# COMPACT_ATOMS: atom_id res chain seq x y z
N THR A 7 -4.20 24.23 10.58
CA THR A 7 -4.86 24.19 11.93
C THR A 7 -4.74 22.80 12.60
N GLY A 8 -4.96 21.72 11.85
CA GLY A 8 -4.56 20.36 12.28
C GLY A 8 -3.13 20.14 11.81
N VAL A 9 -2.50 19.05 12.22
CA VAL A 9 -1.11 18.80 11.81
C VAL A 9 -0.99 17.58 10.90
N LEU A 10 -0.01 17.63 10.01
CA LEU A 10 0.27 16.58 9.08
C LEU A 10 1.58 15.96 9.52
N VAL A 11 1.58 14.65 9.71
CA VAL A 11 2.81 13.96 10.09
C VAL A 11 3.53 13.48 8.82
N GLU A 12 4.82 13.82 8.69
CA GLU A 12 5.61 13.48 7.49
C GLU A 12 6.75 12.52 7.83
N LEU A 13 6.89 11.45 7.04
CA LEU A 13 7.87 10.40 7.30
C LEU A 13 8.81 10.32 6.09
N ASP A 14 10.02 10.83 6.25
CA ASP A 14 10.99 10.87 5.16
C ASP A 14 11.59 9.50 4.96
N GLY A 15 12.11 9.24 3.78
CA GLY A 15 12.51 7.89 3.40
C GLY A 15 13.89 7.75 2.81
N ASP A 16 14.00 6.86 1.82
CA ASP A 16 15.29 6.39 1.35
C ASP A 16 15.45 6.48 -0.17
N GLU A 17 16.72 6.43 -0.56
CA GLU A 17 17.14 6.27 -1.95
C GLU A 17 16.47 7.21 -2.97
N MET A 18 15.91 6.69 -4.06
CA MET A 18 15.41 7.55 -5.12
C MET A 18 14.17 8.33 -4.67
N THR A 19 13.32 7.67 -3.91
CA THR A 19 12.11 8.30 -3.44
C THR A 19 12.38 9.49 -2.50
N ARG A 20 13.46 9.43 -1.74
CA ARG A 20 13.83 10.54 -0.84
C ARG A 20 14.21 11.78 -1.61
N VAL A 21 14.96 11.60 -2.69
CA VAL A 21 15.38 12.74 -3.55
C VAL A 21 14.18 13.39 -4.20
N ILE A 22 13.29 12.57 -4.75
CA ILE A 22 12.03 13.05 -5.37
C ILE A 22 11.11 13.73 -4.34
N TRP A 23 11.05 13.16 -3.15
CA TRP A 23 10.25 13.69 -2.04
C TRP A 23 10.62 15.15 -1.73
N LYS A 24 11.92 15.43 -1.67
CA LYS A 24 12.39 16.79 -1.42
C LYS A 24 11.89 17.73 -2.52
N LYS A 25 12.04 17.31 -3.77
CA LYS A 25 11.62 18.11 -4.92
C LYS A 25 10.10 18.37 -4.90
N ILE A 26 9.32 17.33 -4.63
CA ILE A 26 7.86 17.48 -4.51
C ILE A 26 7.46 18.52 -3.46
N LYS A 27 7.99 18.37 -2.26
CA LYS A 27 7.71 19.29 -1.15
C LYS A 27 8.02 20.73 -1.54
N GLU A 28 9.25 20.95 -2.00
CA GLU A 28 9.74 22.30 -2.30
C GLU A 28 9.09 22.97 -3.51
N THR A 29 8.59 22.17 -4.45
CA THR A 29 8.08 22.68 -5.72
C THR A 29 6.56 22.68 -5.79
N LEU A 30 5.90 21.63 -5.32
CA LEU A 30 4.45 21.49 -5.50
C LEU A 30 3.60 21.63 -4.26
N ILE A 31 4.23 21.64 -3.08
CA ILE A 31 3.47 21.69 -1.83
C ILE A 31 3.71 22.98 -1.05
N PHE A 32 4.94 23.20 -0.59
CA PHE A 32 5.20 24.29 0.35
C PHE A 32 4.98 25.71 -0.19
N PRO A 33 5.22 25.93 -1.50
CA PRO A 33 4.88 27.23 -2.08
C PRO A 33 3.37 27.56 -2.07
N PHE A 34 2.51 26.56 -1.93
CA PHE A 34 1.07 26.79 -2.02
C PHE A 34 0.29 26.53 -0.75
N VAL A 35 0.91 25.86 0.22
CA VAL A 35 0.20 25.37 1.39
C VAL A 35 1.01 25.70 2.63
N ASN A 36 0.33 26.16 3.66
CA ASN A 36 0.91 26.39 4.97
C ASN A 36 0.19 25.46 5.95
N VAL A 37 0.75 24.27 6.15
CA VAL A 37 0.22 23.33 7.12
C VAL A 37 1.34 22.94 8.06
N PRO A 38 1.05 22.91 9.37
CA PRO A 38 2.06 22.46 10.30
C PRO A 38 2.38 20.99 10.07
N ILE A 39 3.67 20.68 9.98
CA ILE A 39 4.14 19.34 9.73
C ILE A 39 4.99 18.91 10.90
N GLU A 40 4.70 17.72 11.44
CA GLU A 40 5.58 17.04 12.39
C GLU A 40 6.44 16.03 11.61
N TYR A 41 7.77 16.21 11.66
CA TYR A 41 8.69 15.49 10.77
C TYR A 41 9.44 14.37 11.46
N TYR A 42 9.50 13.21 10.79
CA TYR A 42 10.27 12.06 11.25
C TYR A 42 11.08 11.51 10.10
N ASP A 43 12.39 11.39 10.32
CA ASP A 43 13.28 10.93 9.27
C ASP A 43 13.42 9.44 9.41
N LEU A 44 12.80 8.70 8.49
CA LEU A 44 12.88 7.24 8.52
C LEU A 44 13.90 6.66 7.55
N SER A 45 14.92 7.44 7.22
CA SER A 45 16.03 6.94 6.43
C SER A 45 16.60 5.70 7.12
N MET A 46 17.21 4.84 6.33
CA MET A 46 17.88 3.65 6.84
C MET A 46 18.89 4.06 7.92
N GLU A 47 19.66 5.11 7.65
CA GLU A 47 20.71 5.54 8.59
C GLU A 47 20.13 6.02 9.93
N ASN A 48 19.07 6.82 9.88
CA ASN A 48 18.46 7.30 11.12
C ASN A 48 17.69 6.20 11.88
N ARG A 49 17.13 5.23 11.17
CA ARG A 49 16.52 4.09 11.87
C ARG A 49 17.59 3.27 12.62
N ASP A 50 18.73 3.02 11.96
CA ASP A 50 19.83 2.30 12.59
C ASP A 50 20.35 3.06 13.82
N LYS A 51 20.64 4.35 13.63
CA LYS A 51 21.14 5.21 14.70
C LYS A 51 20.20 5.25 15.90
N THR A 52 18.90 5.39 15.66
CA THR A 52 17.92 5.44 16.74
C THR A 52 17.41 4.06 17.15
N GLU A 53 18.07 3.01 16.68
CA GLU A 53 17.67 1.63 16.97
C GLU A 53 16.19 1.40 16.65
N ASP A 54 15.76 2.01 15.55
CA ASP A 54 14.39 1.95 15.03
C ASP A 54 13.34 2.70 15.86
N ARG A 55 13.77 3.44 16.88
CA ARG A 55 12.83 4.19 17.68
C ARG A 55 12.06 5.24 16.88
N VAL A 56 12.69 5.93 15.92
CA VAL A 56 11.96 6.92 15.06
C VAL A 56 10.71 6.34 14.42
N THR A 57 10.80 5.09 13.99
CA THR A 57 9.71 4.42 13.32
C THR A 57 8.47 4.33 14.21
N VAL A 58 8.66 3.91 15.46
CA VAL A 58 7.48 3.72 16.32
C VAL A 58 6.98 5.09 16.79
N GLU A 59 7.90 6.03 17.01
CA GLU A 59 7.50 7.40 17.37
C GLU A 59 6.65 8.02 16.27
N ALA A 60 7.10 7.88 15.03
CA ALA A 60 6.34 8.40 13.87
C ALA A 60 4.93 7.80 13.79
N ALA A 61 4.83 6.49 13.98
CA ALA A 61 3.56 5.78 13.96
C ALA A 61 2.58 6.33 15.00
N TYR A 62 3.07 6.51 16.23
CA TYR A 62 2.21 7.02 17.30
C TYR A 62 1.83 8.48 17.05
N ALA A 63 2.70 9.25 16.41
CA ALA A 63 2.38 10.61 15.98
C ALA A 63 1.24 10.67 14.96
N ILE A 64 1.21 9.70 14.04
CA ILE A 64 0.08 9.62 13.09
C ILE A 64 -1.21 9.35 13.83
N LYS A 65 -1.18 8.41 14.77
CA LYS A 65 -2.38 8.10 15.56
C LYS A 65 -2.87 9.38 16.30
N LYS A 66 -1.94 10.13 16.84
CA LYS A 66 -2.30 11.34 17.61
C LYS A 66 -2.91 12.43 16.74
N HIS A 67 -2.28 12.71 15.59
CA HIS A 67 -2.66 13.83 14.73
C HIS A 67 -3.63 13.47 13.62
N GLY A 68 -3.75 12.18 13.29
CA GLY A 68 -4.82 11.69 12.40
C GLY A 68 -4.42 11.40 10.95
N VAL A 69 -3.31 11.97 10.48
CA VAL A 69 -2.89 11.83 9.08
C VAL A 69 -1.37 11.82 8.97
N GLY A 70 -0.84 10.88 8.20
CA GLY A 70 0.58 10.80 7.89
C GLY A 70 0.79 10.62 6.40
N VAL A 71 1.90 11.15 5.89
CA VAL A 71 2.36 10.87 4.52
C VAL A 71 3.74 10.29 4.64
N LYS A 72 3.97 9.20 3.94
CA LYS A 72 5.22 8.47 4.06
C LYS A 72 5.91 8.23 2.73
N CYS A 73 7.22 8.49 2.75
CA CYS A 73 8.14 8.19 1.67
C CYS A 73 8.60 6.73 1.76
N ALA A 74 8.81 6.09 0.63
CA ALA A 74 9.30 4.71 0.64
C ALA A 74 10.63 4.58 1.41
N THR A 75 10.80 3.46 2.09
CA THR A 75 11.96 3.21 2.95
C THR A 75 12.59 1.87 2.61
N ILE A 76 13.85 1.67 2.97
CA ILE A 76 14.49 0.37 2.78
C ILE A 76 14.06 -0.63 3.87
N THR A 77 13.68 -1.83 3.48
CA THR A 77 13.44 -2.92 4.43
C THR A 77 14.72 -3.77 4.48
N PRO A 78 15.42 -3.77 5.63
CA PRO A 78 16.68 -4.51 5.70
C PRO A 78 16.55 -6.00 5.39
N ASP A 79 17.60 -6.52 4.79
CA ASP A 79 17.77 -7.95 4.57
C ASP A 79 19.27 -8.18 4.73
N GLU A 80 19.76 -9.38 4.41
CA GLU A 80 21.17 -9.72 4.62
C GLU A 80 22.08 -8.70 3.91
N ALA A 81 21.79 -8.42 2.64
CA ALA A 81 22.64 -7.52 1.85
C ALA A 81 22.63 -6.10 2.39
N ARG A 82 21.46 -5.60 2.83
CA ARG A 82 21.38 -4.25 3.39
C ARG A 82 22.14 -4.13 4.72
N VAL A 83 22.18 -5.21 5.50
CA VAL A 83 22.92 -5.21 6.77
C VAL A 83 24.39 -4.97 6.49
N LYS A 84 24.92 -5.65 5.48
CA LYS A 84 26.30 -5.41 5.04
C LYS A 84 26.48 -3.98 4.49
N GLU A 85 25.61 -3.59 3.56
CA GLU A 85 25.70 -2.26 2.91
C GLU A 85 25.79 -1.10 3.90
N PHE A 86 24.92 -1.07 4.89
CA PHE A 86 24.85 0.06 5.83
C PHE A 86 25.53 -0.25 7.17
N ASN A 87 26.07 -1.47 7.30
CA ASN A 87 26.60 -1.97 8.57
C ASN A 87 25.59 -1.83 9.70
N LEU A 88 24.40 -2.36 9.49
CA LEU A 88 23.31 -2.26 10.48
C LEU A 88 23.66 -3.02 11.77
N LYS A 89 23.23 -2.45 12.89
CA LYS A 89 23.36 -3.10 14.20
C LYS A 89 22.53 -4.38 14.27
N LYS A 90 21.33 -4.35 13.67
CA LYS A 90 20.43 -5.50 13.57
C LYS A 90 19.71 -5.45 12.22
N MET A 91 19.10 -6.56 11.83
CA MET A 91 18.25 -6.59 10.65
C MET A 91 16.86 -6.10 11.07
N TRP A 92 16.76 -4.78 11.18
CA TRP A 92 15.54 -4.11 11.66
C TRP A 92 14.32 -4.50 10.85
N ARG A 93 13.17 -4.51 11.51
CA ARG A 93 11.94 -4.93 10.86
C ARG A 93 11.48 -3.90 9.83
N SER A 94 10.74 -4.34 8.81
CA SER A 94 10.10 -3.40 7.89
C SER A 94 9.40 -2.28 8.68
N PRO A 95 9.72 -1.02 8.40
CA PRO A 95 8.99 0.11 9.01
C PRO A 95 7.51 0.13 8.63
N ASN A 96 7.19 -0.35 7.42
CA ASN A 96 5.79 -0.43 7.00
C ASN A 96 5.00 -1.40 7.87
N GLY A 97 5.57 -2.58 8.14
CA GLY A 97 4.92 -3.52 9.05
C GLY A 97 4.72 -2.93 10.45
N THR A 98 5.75 -2.25 10.96
CA THR A 98 5.69 -1.58 12.29
C THR A 98 4.56 -0.54 12.37
N ILE A 99 4.51 0.36 11.40
CA ILE A 99 3.52 1.41 11.39
C ILE A 99 2.13 0.82 11.23
N ARG A 100 1.98 -0.11 10.30
CA ARG A 100 0.67 -0.73 10.04
C ARG A 100 0.19 -1.52 11.26
N THR A 101 1.12 -2.17 11.93
CA THR A 101 0.90 -2.87 13.21
C THR A 101 0.38 -1.87 14.26
N ILE A 102 1.07 -0.76 14.41
CA ILE A 102 0.71 0.25 15.40
C ILE A 102 -0.62 0.91 15.08
N LEU A 103 -0.88 1.20 13.81
CA LEU A 103 -2.09 1.94 13.44
C LEU A 103 -3.30 1.05 13.30
N GLY A 104 -3.08 -0.18 12.83
CA GLY A 104 -4.15 -1.09 12.50
C GLY A 104 -4.75 -0.65 11.17
N GLY A 105 -5.68 -1.42 10.66
CA GLY A 105 -6.38 -1.02 9.47
C GLY A 105 -6.08 -1.82 8.22
N THR A 106 -6.66 -1.35 7.13
CA THR A 106 -6.58 -1.99 5.81
C THR A 106 -5.92 -1.05 4.84
N VAL A 107 -5.02 -1.58 4.01
CA VAL A 107 -4.30 -0.79 3.03
C VAL A 107 -4.98 -0.89 1.67
N PHE A 108 -5.50 0.23 1.19
CA PHE A 108 -6.21 0.26 -0.08
C PHE A 108 -5.28 0.75 -1.18
N ARG A 109 -5.13 -0.07 -2.22
CA ARG A 109 -4.21 0.17 -3.33
C ARG A 109 -5.04 0.33 -4.60
N GLU A 110 -4.75 1.38 -5.38
CA GLU A 110 -5.53 1.72 -6.55
C GLU A 110 -4.68 2.41 -7.61
N PRO A 111 -4.83 2.03 -8.89
CA PRO A 111 -4.09 2.65 -9.97
C PRO A 111 -4.63 4.03 -10.35
N ILE A 112 -3.76 4.87 -10.88
CA ILE A 112 -4.17 6.16 -11.47
C ILE A 112 -4.13 5.99 -12.98
N ILE A 113 -5.29 6.12 -13.62
CA ILE A 113 -5.43 5.87 -15.05
C ILE A 113 -5.44 7.17 -15.84
N CYS A 114 -4.59 7.24 -16.87
CA CYS A 114 -4.60 8.34 -17.86
C CYS A 114 -5.11 7.81 -19.21
N SER A 115 -6.01 8.57 -19.83
CA SER A 115 -6.69 8.19 -21.09
C SER A 115 -5.73 7.70 -22.19
N ASN A 116 -4.58 8.32 -22.29
CA ASN A 116 -3.58 8.04 -23.32
C ASN A 116 -2.51 6.99 -22.97
N VAL A 117 -2.50 6.49 -21.73
CA VAL A 117 -1.54 5.44 -21.31
C VAL A 117 -2.25 4.09 -21.27
N PRO A 118 -1.88 3.16 -22.17
CA PRO A 118 -2.58 1.88 -22.15
C PRO A 118 -2.12 0.98 -21.02
N ARG A 119 -3.05 0.16 -20.54
CA ARG A 119 -2.76 -0.96 -19.66
C ARG A 119 -2.03 -2.04 -20.46
N LEU A 120 -1.32 -2.90 -19.75
CA LEU A 120 -0.79 -4.12 -20.35
C LEU A 120 -1.89 -5.13 -20.58
N VAL A 121 -2.95 -5.07 -19.81
CA VAL A 121 -4.07 -5.99 -19.95
C VAL A 121 -5.20 -5.33 -20.73
N THR A 122 -5.54 -5.90 -21.88
CA THR A 122 -6.40 -5.22 -22.85
C THR A 122 -7.84 -5.07 -22.39
N THR A 123 -8.27 -5.86 -21.40
CA THR A 123 -9.64 -5.76 -20.92
C THR A 123 -9.87 -4.64 -19.90
N TRP A 124 -8.80 -4.07 -19.37
CA TRP A 124 -8.93 -3.21 -18.18
C TRP A 124 -9.33 -1.78 -18.54
N LYS A 125 -10.50 -1.38 -18.05
CA LYS A 125 -11.15 -0.10 -18.37
C LYS A 125 -11.25 0.83 -17.18
N LYS A 126 -11.54 0.27 -16.01
CA LYS A 126 -11.72 1.05 -14.79
C LYS A 126 -10.71 0.57 -13.77
N PRO A 127 -10.43 1.38 -12.74
CA PRO A 127 -9.49 0.95 -11.71
C PRO A 127 -10.06 -0.20 -10.89
N VAL A 128 -9.16 -0.96 -10.27
CA VAL A 128 -9.51 -1.98 -9.31
C VAL A 128 -8.85 -1.53 -7.98
N VAL A 129 -9.57 -1.67 -6.88
CA VAL A 129 -9.04 -1.43 -5.56
C VAL A 129 -8.83 -2.74 -4.82
N ILE A 130 -7.58 -2.99 -4.43
CA ILE A 130 -7.22 -4.04 -3.50
C ILE A 130 -7.18 -3.46 -2.08
N GLY A 131 -7.91 -4.14 -1.19
CA GLY A 131 -7.92 -3.83 0.22
C GLY A 131 -7.13 -4.90 0.94
N ARG A 132 -5.90 -4.57 1.31
CA ARG A 132 -5.03 -5.54 1.94
C ARG A 132 -5.15 -5.56 3.46
N HIS A 133 -5.43 -6.73 4.04
CA HIS A 133 -5.50 -6.88 5.47
C HIS A 133 -4.07 -6.81 6.07
N ALA A 134 -3.75 -5.71 6.75
CA ALA A 134 -2.35 -5.42 7.14
C ALA A 134 -2.03 -5.91 8.54
N PHE A 135 -2.41 -7.15 8.83
CA PHE A 135 -2.17 -7.76 10.13
C PHE A 135 -2.12 -9.27 10.00
N GLY A 136 -1.15 -9.90 10.65
CA GLY A 136 -1.20 -11.34 10.89
C GLY A 136 -0.68 -12.23 9.78
N ASP A 137 -1.04 -13.50 9.87
CA ASP A 137 -0.60 -14.53 8.94
C ASP A 137 0.95 -14.57 8.84
N GLN A 138 1.47 -14.55 7.62
CA GLN A 138 2.92 -14.66 7.40
C GLN A 138 3.73 -13.54 8.08
N TYR A 139 3.12 -12.37 8.27
CA TYR A 139 3.84 -11.16 8.65
C TYR A 139 4.06 -11.04 10.15
N SER A 140 3.45 -11.93 10.92
CA SER A 140 3.75 -12.06 12.33
C SER A 140 3.94 -13.53 12.68
N ALA A 141 4.30 -14.34 11.70
CA ALA A 141 4.51 -15.76 11.90
C ALA A 141 5.85 -16.04 12.57
N THR A 142 5.94 -17.20 13.20
CA THR A 142 7.20 -17.72 13.72
C THR A 142 7.60 -18.90 12.85
N ASP A 143 8.80 -18.83 12.28
CA ASP A 143 9.34 -19.94 11.50
C ASP A 143 10.74 -20.38 11.99
N ALA A 144 11.15 -21.59 11.57
CA ALA A 144 12.43 -22.18 11.97
C ALA A 144 12.90 -23.23 11.00
N VAL A 145 14.21 -23.39 10.89
CA VAL A 145 14.80 -24.49 10.13
C VAL A 145 14.99 -25.69 11.05
N VAL A 146 14.59 -26.87 10.60
CA VAL A 146 14.84 -28.10 11.33
C VAL A 146 16.13 -28.78 10.83
N LYS A 147 17.07 -28.97 11.76
CA LYS A 147 18.40 -29.50 11.45
C LYS A 147 18.70 -30.89 12.02
N GLU A 148 17.77 -31.45 12.79
CA GLU A 148 17.95 -32.77 13.39
C GLU A 148 16.62 -33.54 13.38
N PRO A 149 16.69 -34.87 13.51
CA PRO A 149 15.45 -35.62 13.60
C PRO A 149 14.62 -35.15 14.79
N GLY A 150 13.32 -35.02 14.59
CA GLY A 150 12.45 -34.52 15.65
C GLY A 150 11.03 -34.27 15.19
N THR A 151 10.16 -33.96 16.17
CA THR A 151 8.72 -33.80 15.94
C THR A 151 8.30 -32.34 16.14
N PHE A 152 7.61 -31.80 15.14
CA PHE A 152 6.97 -30.48 15.24
C PHE A 152 5.53 -30.75 15.67
N GLU A 153 5.10 -30.08 16.73
CA GLU A 153 3.70 -30.15 17.16
C GLU A 153 3.24 -28.77 17.62
N MET A 154 1.93 -28.55 17.52
CA MET A 154 1.31 -27.36 18.05
C MET A 154 0.46 -27.69 19.26
N ARG A 155 0.42 -26.73 20.19
CA ARG A 155 -0.43 -26.81 21.36
C ARG A 155 -1.28 -25.55 21.49
N PHE A 156 -2.56 -25.73 21.77
CA PHE A 156 -3.40 -24.65 22.27
C PHE A 156 -3.63 -24.86 23.78
N ILE A 157 -3.28 -23.86 24.59
CA ILE A 157 -3.37 -23.94 26.07
C ILE A 157 -4.44 -23.00 26.63
N PRO A 158 -5.64 -23.52 26.96
CA PRO A 158 -6.68 -22.62 27.45
C PRO A 158 -6.26 -21.82 28.69
N ALA A 159 -6.72 -20.58 28.80
CA ALA A 159 -6.31 -19.72 29.91
C ALA A 159 -6.99 -20.07 31.23
N ASN A 160 -7.96 -20.98 31.21
CA ASN A 160 -8.71 -21.35 32.42
C ASN A 160 -8.37 -22.77 32.89
N GLY A 161 -7.12 -23.20 32.65
CA GLY A 161 -6.72 -24.59 32.88
C GLY A 161 -7.51 -25.52 31.97
N GLY A 162 -7.45 -26.82 32.23
CA GLY A 162 -8.21 -27.76 31.42
C GLY A 162 -7.54 -28.08 30.09
N GLU A 163 -7.80 -29.28 29.62
CA GLU A 163 -6.97 -29.97 28.61
C GLU A 163 -6.43 -29.13 27.43
N PRO A 164 -5.11 -28.93 27.39
CA PRO A 164 -4.49 -28.41 26.18
C PRO A 164 -4.79 -29.31 25.00
N LYS A 165 -5.04 -28.71 23.83
CA LYS A 165 -5.24 -29.47 22.60
C LYS A 165 -3.91 -29.54 21.86
N VAL A 166 -3.51 -30.75 21.49
CA VAL A 166 -2.22 -30.95 20.81
C VAL A 166 -2.44 -31.54 19.43
N TYR A 167 -1.59 -31.11 18.50
CA TYR A 167 -1.68 -31.50 17.10
C TYR A 167 -0.27 -31.92 16.66
N LYS A 168 -0.11 -33.15 16.21
CA LYS A 168 1.18 -33.58 15.65
C LYS A 168 1.19 -33.23 14.17
N VAL A 169 2.10 -32.35 13.78
CA VAL A 169 2.20 -32.00 12.36
C VAL A 169 3.21 -32.91 11.62
N PHE A 170 4.48 -32.97 12.05
CA PHE A 170 5.45 -33.79 11.30
C PHE A 170 6.64 -34.33 12.09
N ASP A 171 7.05 -35.54 11.73
CA ASP A 171 8.31 -36.14 12.20
C ASP A 171 9.38 -36.02 11.12
N TYR A 172 10.30 -35.07 11.32
CA TYR A 172 11.39 -34.84 10.39
C TYR A 172 12.47 -35.89 10.63
N LYS A 173 13.05 -36.40 9.54
CA LYS A 173 14.20 -37.32 9.60
C LYS A 173 15.48 -36.74 8.98
N SER A 174 15.34 -35.89 7.95
CA SER A 174 16.49 -35.40 7.19
C SER A 174 16.39 -33.90 6.88
N GLY A 175 15.80 -33.16 7.81
CA GLY A 175 15.79 -31.69 7.76
C GLY A 175 14.56 -31.09 7.09
N GLY A 176 14.29 -29.83 7.40
CA GLY A 176 13.18 -29.12 6.77
C GLY A 176 12.84 -27.82 7.46
N VAL A 177 11.60 -27.37 7.30
CA VAL A 177 11.17 -26.11 7.86
C VAL A 177 9.81 -26.25 8.53
N MET A 178 9.54 -25.32 9.46
CA MET A 178 8.29 -25.30 10.24
C MET A 178 7.87 -23.88 10.46
N MET A 179 6.56 -23.64 10.49
CA MET A 179 6.02 -22.32 10.67
C MET A 179 4.64 -22.39 11.33
N GLY A 180 4.38 -21.46 12.24
CA GLY A 180 3.05 -21.27 12.82
C GLY A 180 2.62 -19.84 12.56
N MET A 181 1.33 -19.61 12.37
CA MET A 181 0.85 -18.25 12.23
C MET A 181 -0.55 -18.15 12.79
N TYR A 182 -0.99 -16.93 13.00
CA TYR A 182 -2.31 -16.68 13.55
C TYR A 182 -2.98 -15.45 12.93
N ASN A 183 -4.26 -15.33 13.20
CA ASN A 183 -4.92 -14.06 13.01
C ASN A 183 -6.03 -14.00 14.06
N THR A 184 -6.69 -12.84 14.19
CA THR A 184 -7.71 -12.69 15.23
C THR A 184 -9.07 -12.30 14.68
N ASP A 185 -10.12 -12.74 15.39
CA ASP A 185 -11.49 -12.33 15.07
C ASP A 185 -11.60 -10.81 15.04
N ASP A 186 -11.02 -10.14 16.02
CA ASP A 186 -11.09 -8.66 16.08
C ASP A 186 -10.50 -8.02 14.81
N SER A 187 -9.32 -8.48 14.41
CA SER A 187 -8.66 -7.92 13.25
C SER A 187 -9.41 -8.26 11.96
N ILE A 188 -9.90 -9.48 11.82
CA ILE A 188 -10.67 -9.87 10.64
C ILE A 188 -11.96 -9.04 10.53
N ARG A 189 -12.62 -8.84 11.68
CA ARG A 189 -13.85 -8.04 11.70
C ARG A 189 -13.56 -6.57 11.32
N ASP A 190 -12.47 -6.01 11.81
CA ASP A 190 -12.07 -4.66 11.38
C ASP A 190 -11.78 -4.57 9.87
N PHE A 191 -11.19 -5.63 9.32
CA PHE A 191 -10.84 -5.70 7.90
C PHE A 191 -12.12 -5.75 7.07
N ALA A 192 -13.03 -6.62 7.49
CA ALA A 192 -14.34 -6.70 6.84
C ALA A 192 -15.06 -5.35 6.84
N ARG A 193 -15.16 -4.70 7.99
CA ARG A 193 -15.83 -3.40 8.07
C ARG A 193 -15.16 -2.36 7.15
N SER A 194 -13.84 -2.26 7.16
CA SER A 194 -13.19 -1.32 6.28
C SER A 194 -13.54 -1.54 4.81
N CYS A 195 -13.62 -2.81 4.42
CA CYS A 195 -13.85 -3.19 3.03
C CYS A 195 -15.32 -2.95 2.62
N PHE A 196 -16.27 -3.39 3.44
CA PHE A 196 -17.67 -3.08 3.18
C PHE A 196 -17.89 -1.57 3.08
N GLU A 197 -17.26 -0.78 3.97
CA GLU A 197 -17.47 0.67 3.98
C GLU A 197 -16.89 1.33 2.73
N PHE A 198 -15.68 0.92 2.36
CA PHE A 198 -15.01 1.41 1.18
C PHE A 198 -15.81 1.17 -0.09
N ALA A 199 -16.30 -0.05 -0.24
CA ALA A 199 -17.05 -0.43 -1.41
C ALA A 199 -18.41 0.31 -1.46
N LEU A 200 -19.06 0.40 -0.31
CA LEU A 200 -20.35 1.13 -0.21
C LEU A 200 -20.20 2.61 -0.57
N ALA A 201 -19.13 3.27 -0.10
CA ALA A 201 -18.91 4.69 -0.44
C ALA A 201 -18.67 4.92 -1.94
N ARG A 202 -17.99 3.96 -2.57
CA ARG A 202 -17.74 3.95 -4.02
C ARG A 202 -18.95 3.53 -4.81
N LYS A 203 -19.87 2.83 -4.17
CA LYS A 203 -20.92 2.08 -4.85
C LYS A 203 -20.31 1.15 -5.89
N TRP A 204 -19.35 0.35 -5.44
CA TRP A 204 -18.73 -0.70 -6.28
C TRP A 204 -18.96 -2.02 -5.55
N PRO A 205 -19.06 -3.13 -6.29
CA PRO A 205 -19.17 -4.40 -5.61
C PRO A 205 -17.88 -4.83 -4.87
N LEU A 206 -18.03 -5.81 -3.99
CA LEU A 206 -16.95 -6.29 -3.16
C LEU A 206 -16.74 -7.81 -3.25
N TYR A 207 -15.49 -8.20 -3.42
CA TYR A 207 -15.09 -9.60 -3.43
C TYR A 207 -14.02 -9.85 -2.39
N LEU A 208 -14.17 -10.96 -1.68
CA LEU A 208 -13.13 -11.47 -0.77
C LEU A 208 -12.54 -12.76 -1.36
N SER A 209 -11.20 -12.83 -1.47
CA SER A 209 -10.54 -14.07 -1.87
C SER A 209 -10.00 -14.85 -0.67
N THR A 210 -10.23 -16.17 -0.66
CA THR A 210 -9.59 -17.09 0.30
C THR A 210 -9.28 -18.44 -0.33
N LYS A 211 -8.61 -19.27 0.45
CA LYS A 211 -8.29 -20.62 0.06
C LYS A 211 -8.94 -21.56 1.09
N ASN A 212 -10.22 -21.28 1.41
CA ASN A 212 -10.92 -22.04 2.47
C ASN A 212 -11.20 -23.46 2.06
N THR A 213 -11.07 -23.69 0.77
CA THR A 213 -11.10 -24.99 0.17
C THR A 213 -9.99 -25.93 0.75
N ILE A 214 -8.84 -25.35 1.12
CA ILE A 214 -7.70 -26.08 1.70
C ILE A 214 -7.56 -25.81 3.20
N LEU A 215 -7.69 -24.53 3.56
CA LEU A 215 -7.57 -24.07 4.93
C LEU A 215 -9.00 -23.87 5.46
N LYS A 216 -9.66 -24.99 5.78
CA LYS A 216 -11.09 -24.97 6.08
C LYS A 216 -11.42 -24.14 7.29
N HIS A 217 -10.53 -24.15 8.29
CA HIS A 217 -10.74 -23.42 9.54
C HIS A 217 -10.16 -22.01 9.47
N TYR A 218 -8.88 -21.90 9.08
CA TYR A 218 -8.19 -20.61 9.07
C TYR A 218 -8.82 -19.63 8.08
N ASP A 219 -8.95 -20.05 6.83
CA ASP A 219 -9.57 -19.22 5.79
C ASP A 219 -11.10 -19.21 5.88
N GLY A 220 -11.66 -20.27 6.42
CA GLY A 220 -13.12 -20.31 6.68
C GLY A 220 -13.57 -19.26 7.68
N ARG A 221 -12.66 -18.86 8.57
CA ARG A 221 -12.98 -17.82 9.53
C ARG A 221 -13.15 -16.46 8.82
N PHE A 222 -12.29 -16.16 7.84
CA PHE A 222 -12.45 -14.95 7.04
C PHE A 222 -13.79 -14.99 6.31
N LYS A 223 -14.06 -16.09 5.62
CA LYS A 223 -15.30 -16.25 4.86
C LYS A 223 -16.53 -16.03 5.77
N ASP A 224 -16.53 -16.66 6.94
CA ASP A 224 -17.70 -16.61 7.83
C ASP A 224 -17.92 -15.21 8.42
N ILE A 225 -16.82 -14.56 8.81
CA ILE A 225 -16.91 -13.22 9.37
C ILE A 225 -17.45 -12.20 8.36
N PHE A 226 -17.01 -12.27 7.10
CA PHE A 226 -17.48 -11.33 6.09
C PHE A 226 -18.95 -11.63 5.85
N ALA A 227 -19.31 -12.91 5.79
CA ALA A 227 -20.70 -13.34 5.49
C ALA A 227 -21.66 -12.89 6.59
N GLU A 228 -21.25 -13.07 7.83
CA GLU A 228 -22.00 -12.63 9.02
C GLU A 228 -22.24 -11.13 8.97
N MET A 229 -21.17 -10.38 8.68
CA MET A 229 -21.22 -8.93 8.67
C MET A 229 -22.05 -8.38 7.51
N TYR A 230 -21.94 -9.00 6.34
CA TYR A 230 -22.76 -8.63 5.20
C TYR A 230 -24.22 -8.80 5.60
N LYS A 231 -24.57 -10.01 6.02
CA LYS A 231 -25.99 -10.31 6.33
C LYS A 231 -26.54 -9.33 7.36
N ALA A 232 -25.81 -9.11 8.45
CA ALA A 232 -26.30 -8.28 9.54
C ALA A 232 -26.36 -6.79 9.20
N LEU A 233 -25.31 -6.28 8.56
CA LEU A 233 -25.08 -4.84 8.52
C LEU A 233 -25.09 -4.17 7.14
N TYR A 234 -24.81 -4.90 6.04
CA TYR A 234 -24.58 -4.26 4.73
C TYR A 234 -25.43 -4.70 3.55
N GLU A 235 -25.96 -5.91 3.60
CA GLU A 235 -26.63 -6.51 2.44
C GLU A 235 -27.74 -5.61 1.88
N THR A 236 -28.57 -5.07 2.77
CA THR A 236 -29.71 -4.25 2.33
C THR A 236 -29.22 -2.96 1.69
N LYS A 237 -28.25 -2.31 2.33
CA LYS A 237 -27.65 -1.10 1.75
C LYS A 237 -26.94 -1.37 0.43
N PHE A 238 -26.28 -2.53 0.30
CA PHE A 238 -25.63 -2.87 -0.97
C PHE A 238 -26.67 -3.08 -2.09
N LYS A 239 -27.69 -3.88 -1.80
CA LYS A 239 -28.76 -4.18 -2.78
C LYS A 239 -29.43 -2.89 -3.27
N THR A 240 -29.77 -2.03 -2.31
CA THR A 240 -30.37 -0.72 -2.61
C THR A 240 -29.51 0.12 -3.53
N CYS A 241 -28.18 0.00 -3.43
CA CYS A 241 -27.27 0.71 -4.32
C CYS A 241 -26.93 -0.06 -5.60
N GLY A 242 -27.48 -1.25 -5.76
CA GLY A 242 -27.23 -2.07 -6.95
C GLY A 242 -25.84 -2.70 -6.95
N ILE A 243 -25.29 -2.95 -5.77
CA ILE A 243 -24.00 -3.65 -5.66
C ILE A 243 -24.17 -4.89 -4.81
N PHE A 244 -23.07 -5.63 -4.62
CA PHE A 244 -23.12 -6.89 -3.91
C PHE A 244 -21.75 -7.21 -3.32
N TYR A 245 -21.75 -8.22 -2.45
CA TYR A 245 -20.52 -8.82 -1.91
C TYR A 245 -20.54 -10.33 -2.24
N GLU A 246 -19.39 -10.87 -2.61
CA GLU A 246 -19.24 -12.29 -2.90
C GLU A 246 -17.87 -12.80 -2.41
N HIS A 247 -17.85 -13.92 -1.70
CA HIS A 247 -16.60 -14.68 -1.48
C HIS A 247 -16.15 -15.39 -2.78
N ARG A 248 -14.84 -15.43 -3.04
CA ARG A 248 -14.29 -16.16 -4.20
C ARG A 248 -13.08 -16.96 -3.80
N LEU A 249 -12.93 -18.13 -4.41
CA LEU A 249 -11.71 -18.91 -4.35
C LEU A 249 -10.57 -18.07 -4.98
N ILE A 250 -9.47 -17.94 -4.26
CA ILE A 250 -8.34 -17.13 -4.73
C ILE A 250 -7.93 -17.47 -6.18
N ASP A 251 -7.93 -18.77 -6.52
CA ASP A 251 -7.63 -19.25 -7.86
C ASP A 251 -8.57 -18.63 -8.90
N ASN A 252 -9.87 -18.66 -8.60
CA ASN A 252 -10.85 -18.09 -9.52
C ASN A 252 -10.69 -16.58 -9.61
N MET A 253 -10.40 -15.94 -8.47
CA MET A 253 -10.33 -14.49 -8.40
C MET A 253 -9.20 -13.88 -9.21
N VAL A 254 -8.02 -14.50 -9.25
CA VAL A 254 -6.96 -13.96 -10.06
C VAL A 254 -7.28 -14.09 -11.56
N ALA A 255 -8.05 -15.12 -11.92
CA ALA A 255 -8.53 -15.29 -13.31
C ALA A 255 -9.55 -14.22 -13.66
N HIS A 256 -10.56 -14.05 -12.80
CA HIS A 256 -11.52 -12.94 -12.89
C HIS A 256 -10.85 -11.60 -13.12
N CYS A 257 -9.83 -11.31 -12.32
CA CYS A 257 -9.12 -10.04 -12.44
C CYS A 257 -8.52 -9.84 -13.84
N MET A 258 -7.91 -10.88 -14.41
CA MET A 258 -7.41 -10.80 -15.78
C MET A 258 -8.54 -10.50 -16.79
N ARG A 259 -9.68 -11.16 -16.61
CA ARG A 259 -10.81 -11.05 -17.55
C ARG A 259 -11.62 -9.76 -17.44
N SER A 260 -11.78 -9.27 -16.21
CA SER A 260 -12.73 -8.21 -15.92
C SER A 260 -12.25 -6.82 -16.36
N GLU A 261 -13.22 -5.95 -16.64
CA GLU A 261 -12.90 -4.58 -17.02
C GLU A 261 -12.51 -3.70 -15.83
N GLY A 262 -12.78 -4.18 -14.61
CA GLY A 262 -12.51 -3.42 -13.38
C GLY A 262 -13.75 -2.87 -12.71
N GLY A 263 -13.56 -1.88 -11.82
CA GLY A 263 -14.66 -1.33 -11.05
C GLY A 263 -15.21 -2.17 -9.92
N TYR A 264 -14.32 -2.84 -9.18
CA TYR A 264 -14.72 -3.57 -7.99
C TYR A 264 -13.63 -3.39 -6.93
N VAL A 265 -14.01 -3.66 -5.70
CA VAL A 265 -13.10 -3.71 -4.56
C VAL A 265 -12.81 -5.19 -4.28
N TRP A 266 -11.55 -5.49 -4.01
CA TRP A 266 -11.08 -6.84 -3.82
C TRP A 266 -10.33 -6.89 -2.47
N ALA A 267 -10.99 -7.49 -1.49
CA ALA A 267 -10.47 -7.72 -0.16
C ALA A 267 -9.55 -8.93 -0.21
N CYS A 268 -8.28 -8.71 0.17
CA CYS A 268 -7.21 -9.71 0.14
C CYS A 268 -6.59 -9.86 1.53
N LYS A 269 -6.37 -11.12 1.92
CA LYS A 269 -5.58 -11.48 3.06
C LYS A 269 -4.18 -10.87 2.90
N ASN A 270 -3.51 -10.68 4.03
CA ASN A 270 -2.24 -9.97 4.10
C ASN A 270 -1.33 -10.32 2.93
N TYR A 271 -1.03 -11.59 2.74
CA TYR A 271 -0.03 -12.01 1.72
C TYR A 271 -0.53 -11.83 0.29
N ASP A 272 -1.76 -12.21 0.05
CA ASP A 272 -2.37 -12.05 -1.26
C ASP A 272 -2.43 -10.58 -1.67
N GLY A 273 -2.69 -9.69 -0.72
CA GLY A 273 -2.82 -8.26 -1.02
C GLY A 273 -1.46 -7.69 -1.42
N ASP A 274 -0.45 -8.13 -0.69
CA ASP A 274 0.93 -7.73 -0.95
C ASP A 274 1.33 -8.13 -2.39
N VAL A 275 1.16 -9.41 -2.71
CA VAL A 275 1.53 -9.93 -4.02
C VAL A 275 0.63 -9.41 -5.14
N GLN A 276 -0.69 -9.54 -4.99
CA GLN A 276 -1.60 -9.20 -6.10
C GLN A 276 -1.65 -7.69 -6.39
N SER A 277 -1.40 -6.86 -5.39
CA SER A 277 -1.24 -5.42 -5.62
C SER A 277 -0.14 -5.08 -6.64
N ASP A 278 1.01 -5.75 -6.58
CA ASP A 278 2.09 -5.49 -7.54
C ASP A 278 1.73 -5.98 -8.94
N SER A 279 1.09 -7.15 -9.02
CA SER A 279 0.63 -7.66 -10.29
C SER A 279 -0.38 -6.70 -10.96
N LEU A 280 -1.35 -6.24 -10.17
CA LEU A 280 -2.34 -5.24 -10.57
C LEU A 280 -1.68 -3.93 -11.03
N ALA A 281 -0.83 -3.37 -10.16
CA ALA A 281 -0.10 -2.14 -10.46
C ALA A 281 0.59 -2.27 -11.81
N GLN A 282 1.39 -3.32 -11.99
CA GLN A 282 2.15 -3.48 -13.22
C GLN A 282 1.25 -3.68 -14.44
N GLY A 283 0.18 -4.45 -14.26
CA GLY A 283 -0.82 -4.64 -15.32
C GLY A 283 -1.43 -3.34 -15.81
N PHE A 284 -1.65 -2.40 -14.87
CA PHE A 284 -2.21 -1.09 -15.23
C PHE A 284 -1.24 -0.16 -15.93
N GLY A 285 0.04 -0.51 -15.97
CA GLY A 285 1.02 0.27 -16.72
C GLY A 285 2.33 0.42 -15.96
N SER A 286 2.26 0.98 -14.75
CA SER A 286 3.45 1.31 -13.99
C SER A 286 3.21 1.40 -12.49
N LEU A 287 4.16 0.89 -11.70
CA LEU A 287 4.12 1.06 -10.24
C LEU A 287 4.13 2.55 -9.84
N GLY A 288 4.71 3.40 -10.69
CA GLY A 288 4.70 4.85 -10.45
C GLY A 288 3.34 5.52 -10.44
N MET A 289 2.30 4.81 -10.89
CA MET A 289 0.94 5.31 -10.93
C MET A 289 0.00 4.56 -9.97
N MET A 290 0.54 3.86 -8.99
CA MET A 290 -0.28 3.11 -8.03
C MET A 290 -0.23 3.81 -6.67
N THR A 291 -1.41 4.11 -6.13
CA THR A 291 -1.57 4.77 -4.83
C THR A 291 -1.86 3.75 -3.72
N SER A 292 -1.52 4.12 -2.48
CA SER A 292 -1.74 3.30 -1.31
C SER A 292 -2.18 4.12 -0.10
N ILE A 293 -3.31 3.79 0.53
CA ILE A 293 -3.76 4.47 1.74
C ILE A 293 -4.18 3.45 2.79
N LEU A 294 -3.50 3.46 3.94
CA LEU A 294 -3.95 2.75 5.15
C LEU A 294 -5.05 3.55 5.85
N MET A 295 -6.19 2.88 6.10
CA MET A 295 -7.32 3.49 6.77
C MET A 295 -7.65 2.65 7.99
N THR A 296 -7.70 3.29 9.17
CA THR A 296 -8.06 2.59 10.40
C THR A 296 -9.54 2.27 10.40
N PRO A 297 -9.95 1.31 11.24
CA PRO A 297 -11.39 1.06 11.34
C PRO A 297 -12.08 2.26 12.03
N ASP A 298 -12.97 2.92 11.26
CA ASP A 298 -13.75 4.16 11.60
C ASP A 298 -13.48 5.32 10.63
N GLY A 299 -12.34 5.30 9.95
CA GLY A 299 -12.02 6.30 8.92
C GLY A 299 -11.39 7.59 9.45
N LYS A 300 -11.00 7.58 10.72
CA LYS A 300 -10.47 8.77 11.38
C LYS A 300 -8.94 8.88 11.44
N THR A 301 -8.22 7.85 11.05
CA THR A 301 -6.76 7.92 10.95
C THR A 301 -6.31 7.27 9.65
N VAL A 302 -5.46 7.97 8.88
CA VAL A 302 -4.92 7.44 7.63
C VAL A 302 -3.41 7.67 7.50
N GLU A 303 -2.78 6.84 6.69
CA GLU A 303 -1.37 6.97 6.30
C GLU A 303 -1.31 6.72 4.79
N VAL A 304 -0.79 7.71 4.05
CA VAL A 304 -0.81 7.67 2.60
C VAL A 304 0.64 7.54 2.08
N GLU A 305 0.81 6.75 1.04
CA GLU A 305 2.13 6.51 0.47
C GLU A 305 1.94 6.07 -0.98
N ALA A 306 3.03 6.00 -1.72
CA ALA A 306 3.09 5.40 -3.03
C ALA A 306 3.06 3.88 -2.89
N ALA A 307 2.44 3.21 -3.84
CA ALA A 307 2.39 1.76 -3.83
C ALA A 307 3.61 1.15 -4.52
N HIS A 308 4.79 1.64 -4.16
CA HIS A 308 6.05 1.17 -4.68
C HIS A 308 7.18 1.47 -3.68
N GLY A 309 8.35 0.94 -3.95
CA GLY A 309 9.48 1.09 -3.03
C GLY A 309 10.36 2.26 -3.40
N THR A 310 11.63 2.16 -3.03
CA THR A 310 12.54 3.29 -3.12
C THR A 310 13.16 3.46 -4.50
N VAL A 311 12.86 2.53 -5.41
CA VAL A 311 13.36 2.53 -6.78
C VAL A 311 14.90 2.56 -6.79
N THR A 312 15.48 1.65 -6.02
CA THR A 312 16.95 1.59 -5.88
C THR A 312 17.69 1.40 -7.20
N ARG A 313 17.10 0.69 -8.17
CA ARG A 313 17.76 0.57 -9.48
C ARG A 313 17.99 1.96 -10.10
N HIS A 314 16.99 2.84 -9.98
CA HIS A 314 17.13 4.21 -10.50
C HIS A 314 18.09 5.02 -9.65
N TYR A 315 18.04 4.83 -8.33
CA TYR A 315 18.98 5.49 -7.41
C TYR A 315 20.43 5.17 -7.75
N ARG A 316 20.69 3.92 -8.13
CA ARG A 316 22.04 3.54 -8.56
C ARG A 316 22.51 4.43 -9.73
N ASP A 317 21.65 4.65 -10.73
CA ASP A 317 21.97 5.57 -11.83
C ASP A 317 22.12 7.01 -11.35
N TYR A 318 21.23 7.46 -10.49
CA TYR A 318 21.33 8.79 -9.88
C TYR A 318 22.69 8.96 -9.20
N GLN A 319 23.15 7.93 -8.49
CA GLN A 319 24.39 8.03 -7.72
C GLN A 319 25.62 8.26 -8.60
N LYS A 320 25.58 7.78 -9.83
CA LYS A 320 26.70 8.00 -10.77
C LYS A 320 26.37 9.10 -11.80
N GLY A 321 25.61 10.11 -11.37
CA GLY A 321 25.38 11.31 -12.17
C GLY A 321 24.52 11.17 -13.41
N LYS A 322 23.91 9.99 -13.63
CA LYS A 322 23.06 9.78 -14.80
C LYS A 322 21.66 10.35 -14.59
N GLU A 323 21.09 10.88 -15.66
CA GLU A 323 19.73 11.42 -15.63
C GLU A 323 18.73 10.30 -15.37
N THR A 324 17.72 10.57 -14.54
CA THR A 324 16.67 9.59 -14.24
C THR A 324 15.27 10.14 -14.49
N SER A 325 14.38 9.29 -14.98
CA SER A 325 13.01 9.68 -15.26
C SER A 325 12.03 8.83 -14.41
N THR A 326 12.36 8.63 -13.14
CA THR A 326 11.47 7.89 -12.23
C THR A 326 10.19 8.73 -12.03
N ASN A 327 9.06 8.04 -11.96
CA ASN A 327 7.75 8.68 -12.00
C ASN A 327 7.36 9.15 -10.59
N PRO A 328 7.17 10.47 -10.39
CA PRO A 328 6.85 11.01 -9.08
C PRO A 328 5.37 11.03 -8.77
N VAL A 329 4.54 10.65 -9.73
CA VAL A 329 3.10 10.80 -9.60
C VAL A 329 2.53 10.12 -8.33
N ALA A 330 2.82 8.85 -8.10
CA ALA A 330 2.28 8.20 -6.87
C ALA A 330 2.70 8.93 -5.58
N SER A 331 3.95 9.39 -5.53
CA SER A 331 4.43 10.14 -4.38
C SER A 331 3.63 11.45 -4.22
N ILE A 332 3.34 12.14 -5.33
CA ILE A 332 2.64 13.42 -5.24
C ILE A 332 1.22 13.16 -4.76
N PHE A 333 0.62 12.07 -5.27
CA PHE A 333 -0.74 11.72 -4.87
C PHE A 333 -0.78 11.31 -3.41
N ALA A 334 0.33 10.79 -2.87
CA ALA A 334 0.39 10.56 -1.44
C ALA A 334 0.16 11.89 -0.70
N TRP A 335 0.89 12.92 -1.12
CA TRP A 335 0.75 14.26 -0.52
C TRP A 335 -0.64 14.84 -0.71
N THR A 336 -1.20 14.76 -1.94
CA THR A 336 -2.52 15.30 -2.18
C THR A 336 -3.65 14.62 -1.37
N ARG A 337 -3.63 13.29 -1.31
CA ARG A 337 -4.64 12.58 -0.51
C ARG A 337 -4.43 12.80 0.98
N ALA A 338 -3.19 12.86 1.47
CA ALA A 338 -2.99 13.16 2.90
C ALA A 338 -3.50 14.56 3.24
N LEU A 339 -3.15 15.55 2.42
CA LEU A 339 -3.60 16.92 2.64
C LEU A 339 -5.11 17.04 2.52
N ALA A 340 -5.71 16.27 1.63
CA ALA A 340 -7.18 16.26 1.50
C ALA A 340 -7.86 15.72 2.75
N HIS A 341 -7.28 14.70 3.38
CA HIS A 341 -7.84 14.19 4.64
C HIS A 341 -7.68 15.26 5.74
N ARG A 342 -6.48 15.86 5.81
CA ARG A 342 -6.23 17.00 6.72
C ARG A 342 -7.24 18.11 6.51
N ALA A 343 -7.50 18.45 5.24
CA ALA A 343 -8.42 19.53 4.88
C ALA A 343 -9.86 19.24 5.32
N ARG A 344 -10.33 18.01 5.13
CA ARG A 344 -11.72 17.66 5.46
C ARG A 344 -11.99 17.72 6.95
N VAL A 345 -11.09 17.13 7.74
CA VAL A 345 -11.14 17.22 9.19
C VAL A 345 -11.18 18.69 9.61
N ASP A 346 -10.34 19.52 8.99
CA ASP A 346 -10.19 20.93 9.37
C ASP A 346 -11.25 21.86 8.77
N ASN A 347 -12.17 21.33 7.97
CA ASN A 347 -13.15 22.14 7.24
C ASN A 347 -12.53 23.21 6.36
N ASN A 348 -11.34 22.93 5.84
CA ASN A 348 -10.57 23.83 5.02
C ASN A 348 -10.80 23.54 3.53
N ASN A 349 -11.86 24.10 2.97
CA ASN A 349 -12.25 23.83 1.58
C ASN A 349 -11.24 24.32 0.54
N THR A 350 -10.43 25.33 0.88
CA THR A 350 -9.45 25.85 -0.07
C THR A 350 -8.26 24.89 -0.20
N LEU A 351 -7.89 24.23 0.89
CA LEU A 351 -6.81 23.24 0.88
C LEU A 351 -7.28 22.03 0.10
N LEU A 352 -8.53 21.65 0.31
CA LEU A 352 -9.12 20.49 -0.36
C LEU A 352 -9.13 20.74 -1.87
N GLU A 353 -9.57 21.93 -2.28
CA GLU A 353 -9.63 22.31 -3.68
C GLU A 353 -8.25 22.35 -4.32
N PHE A 354 -7.25 22.80 -3.57
CA PHE A 354 -5.88 22.75 -4.03
C PHE A 354 -5.41 21.32 -4.34
N THR A 355 -5.74 20.38 -3.45
CA THR A 355 -5.33 18.98 -3.64
C THR A 355 -5.96 18.43 -4.92
N GLN A 356 -7.26 18.67 -5.10
CA GLN A 356 -7.98 18.24 -6.30
C GLN A 356 -7.39 18.85 -7.57
N ARG A 357 -7.05 20.13 -7.49
CA ARG A 357 -6.49 20.87 -8.61
C ARG A 357 -5.11 20.33 -9.04
N LEU A 358 -4.23 20.05 -8.07
CA LEU A 358 -2.93 19.42 -8.37
C LEU A 358 -3.07 18.04 -9.04
N GLU A 359 -3.97 17.21 -8.54
CA GLU A 359 -4.23 15.90 -9.17
C GLU A 359 -4.72 16.11 -10.60
N ASP A 360 -5.69 17.02 -10.75
CA ASP A 360 -6.22 17.37 -12.07
C ASP A 360 -5.13 17.81 -13.04
N VAL A 361 -4.21 18.66 -12.62
CA VAL A 361 -3.19 19.14 -13.57
C VAL A 361 -2.15 18.06 -13.88
N ILE A 362 -1.87 17.16 -12.93
CA ILE A 362 -0.97 16.04 -13.21
C ILE A 362 -1.57 15.18 -14.34
N ILE A 363 -2.85 14.84 -14.22
CA ILE A 363 -3.53 14.06 -15.24
C ILE A 363 -3.57 14.82 -16.57
N ALA A 364 -3.80 16.12 -16.52
CA ALA A 364 -3.92 16.91 -17.75
C ALA A 364 -2.58 16.95 -18.45
N THR A 365 -1.53 17.06 -17.64
CA THR A 365 -0.17 17.17 -18.15
C THR A 365 0.22 15.92 -18.93
N ILE A 366 -0.12 14.75 -18.37
CA ILE A 366 0.24 13.48 -18.99
C ILE A 366 -0.61 13.24 -20.23
N GLU A 367 -1.91 13.48 -20.13
CA GLU A 367 -2.82 13.26 -21.23
C GLU A 367 -2.50 14.14 -22.45
N ALA A 368 -1.78 15.25 -22.23
CA ALA A 368 -1.29 16.11 -23.32
C ALA A 368 0.12 15.74 -23.84
N GLY A 369 0.71 14.68 -23.31
CA GLY A 369 1.98 14.17 -23.85
C GLY A 369 3.23 14.47 -23.06
N ALA A 370 3.12 15.14 -21.92
CA ALA A 370 4.27 15.41 -21.07
C ALA A 370 4.29 14.40 -19.91
N MET A 371 5.29 13.51 -19.89
CA MET A 371 5.28 12.34 -19.01
C MET A 371 6.69 11.82 -18.77
N THR A 372 6.82 10.99 -17.74
CA THR A 372 8.10 10.36 -17.43
C THR A 372 8.29 9.11 -18.32
N GLU A 373 9.52 8.60 -18.36
CA GLU A 373 9.92 7.52 -19.26
C GLU A 373 9.08 6.23 -19.16
N ASP A 374 8.69 5.85 -17.95
CA ASP A 374 7.82 4.67 -17.76
C ASP A 374 6.53 4.75 -18.56
N LEU A 375 5.90 5.93 -18.58
CA LEU A 375 4.62 6.05 -19.30
C LEU A 375 4.83 6.14 -20.82
N ALA A 376 5.91 6.79 -21.23
CA ALA A 376 6.31 6.78 -22.62
C ALA A 376 6.44 5.33 -23.10
N ILE A 377 7.04 4.48 -22.26
CA ILE A 377 7.22 3.05 -22.60
C ILE A 377 5.89 2.32 -22.75
N CYS A 378 4.93 2.59 -21.85
CA CYS A 378 3.59 2.00 -21.98
C CYS A 378 2.96 2.38 -23.31
N ILE A 379 3.18 3.61 -23.79
CA ILE A 379 2.56 4.07 -25.05
C ILE A 379 3.29 3.54 -26.28
N LYS A 380 4.62 3.57 -26.27
CA LYS A 380 5.44 3.37 -27.48
C LYS A 380 6.15 2.02 -27.57
N GLY A 381 6.32 1.34 -26.43
CA GLY A 381 7.15 0.13 -26.38
C GLY A 381 8.60 0.51 -26.10
N GLU A 382 9.25 -0.24 -25.22
CA GLU A 382 10.61 0.09 -24.78
C GLU A 382 11.60 0.32 -25.92
N LYS A 383 11.51 -0.50 -26.98
CA LYS A 383 12.44 -0.40 -28.10
C LYS A 383 12.30 0.93 -28.86
N ASN A 384 11.09 1.49 -28.90
CA ASN A 384 10.77 2.65 -29.74
C ASN A 384 10.84 4.03 -29.06
N VAL A 385 11.04 4.05 -27.74
CA VAL A 385 11.15 5.34 -27.04
C VAL A 385 12.55 5.94 -27.22
N VAL A 386 12.57 7.22 -27.53
CA VAL A 386 13.79 8.00 -27.57
C VAL A 386 13.65 9.18 -26.61
N ARG A 387 14.80 9.72 -26.19
CA ARG A 387 14.85 10.73 -25.12
C ARG A 387 13.84 11.88 -25.26
N ALA A 388 13.49 12.26 -26.48
CA ALA A 388 12.54 13.36 -26.69
C ALA A 388 11.09 12.97 -26.38
N ASP A 389 10.84 11.67 -26.21
CA ASP A 389 9.49 11.19 -25.87
C ASP A 389 9.06 11.42 -24.41
N TYR A 390 10.01 11.75 -23.53
CA TYR A 390 9.69 11.90 -22.12
C TYR A 390 10.46 13.03 -21.45
N LEU A 391 10.03 13.36 -20.24
CA LEU A 391 10.72 14.32 -19.39
C LEU A 391 11.43 13.58 -18.28
N ASN A 392 12.57 14.11 -17.83
CA ASN A 392 13.13 13.62 -16.58
C ASN A 392 12.25 14.03 -15.41
N THR A 393 12.54 13.48 -14.23
CA THR A 393 11.67 13.64 -13.08
C THR A 393 11.48 15.11 -12.72
N ASP A 394 12.57 15.86 -12.62
CA ASP A 394 12.52 17.29 -12.28
C ASP A 394 11.83 18.12 -13.36
N GLU A 395 12.07 17.76 -14.61
CA GLU A 395 11.40 18.43 -15.72
C GLU A 395 9.91 18.19 -15.68
N PHE A 396 9.51 16.98 -15.28
CA PHE A 396 8.10 16.65 -15.19
C PHE A 396 7.45 17.45 -14.08
N ILE A 397 8.11 17.50 -12.92
CA ILE A 397 7.60 18.22 -11.75
C ILE A 397 7.56 19.73 -12.02
N ASP A 398 8.61 20.26 -12.66
CA ASP A 398 8.63 21.68 -13.02
C ASP A 398 7.48 21.99 -13.99
N ALA A 399 7.23 21.10 -14.94
CA ALA A 399 6.16 21.31 -15.90
C ALA A 399 4.83 21.36 -15.18
N VAL A 400 4.62 20.43 -14.24
CA VAL A 400 3.41 20.39 -13.46
C VAL A 400 3.20 21.70 -12.69
N SER A 401 4.23 22.17 -12.00
CA SER A 401 4.14 23.41 -11.21
C SER A 401 3.74 24.60 -12.06
N GLN A 402 4.25 24.63 -13.29
CA GLN A 402 3.87 25.67 -14.27
C GLN A 402 2.38 25.73 -14.51
N ARG A 403 1.77 24.59 -14.82
CA ARG A 403 0.33 24.55 -15.11
C ARG A 403 -0.48 24.77 -13.85
N LEU A 404 0.07 24.32 -12.73
CA LEU A 404 -0.55 24.50 -11.42
C LEU A 404 -0.67 25.99 -11.13
N LYS A 405 0.40 26.73 -11.41
CA LYS A 405 0.43 28.17 -11.17
C LYS A 405 -0.59 28.95 -11.99
N VAL A 406 -0.87 28.54 -13.22
CA VAL A 406 -1.95 29.19 -13.97
C VAL A 406 -3.31 28.75 -13.41
N ALA A 407 -3.46 27.46 -13.06
CA ALA A 407 -4.65 27.00 -12.33
C ALA A 407 -4.59 27.48 -10.87
#